data_3VNR
#
_entry.id   3VNR
#
_cell.length_a   157.016
_cell.length_b   157.016
_cell.length_c   157.016
_cell.angle_alpha   90.000
_cell.angle_beta   90.000
_cell.angle_gamma   90.000
#
_symmetry.space_group_name_H-M   'I 2 3'
#
loop_
_entity.id
_entity.type
_entity.pdbx_description
1 polymer 'NRPS adenylation protein CytC1'
2 non-polymer 'ADENOSINE MONOPHOSPHATE'
3 non-polymer 'ALPHA-AMINOBUTYRIC ACID'
4 water water
#
_entity_poly.entity_id   1
_entity_poly.type   'polypeptide(L)'
_entity_poly.pdbx_seq_one_letter_code
;MGSSHHHHHHSSGLVPRGSHMLLQSMTSDPIARNSDLVSLFREVAATAPERTALSAEDDRISYGRLDAWSDAVARTLLAE
GVRPGDRVALRMSPGAEAIVAILAILKCGAAYVPVDLRNPVSRSDFILADSGASALIGEPHEGCAVTRVVRTAAVAECKD
AEPGPVTGAPGPGAEDMAYVIYTSGTTGNPKGVPVRHANVLALLAGAPSVFDFSGDDRWLLFHSLSFDFSVWEIWGAFST
GAELVVLPHWAARTPEQYLAVIIDRGVTVINQTPTAFLALTEAAVRGGRDVSGLRYVIFGGEKLTAPMLRPWAKAFGLDR
PRLVNGYGITETTVFTTFEEITEAYLAQDASIIGRALPSFGTRVVGDDGRDVAPGETGELWLSGAQLAEGYLRRPELTAE
KFPEVTDEKTGESVRYYRTGDLVSELPDGRFAYEGRADLQIKLRGYRIELSDIETAVRRHDDVVDAVVTVREFKPGDLRL
VCAYVAREGSATTARELRNHIKTLLPAYMHPARYLPLPGLPRTVNGKVDRAAVARSWEEEVARS
;
_entity_poly.pdbx_strand_id   A
#
# COMPACT_ATOMS: atom_id res chain seq x y z
N THR A 27 -2.44 -29.47 11.68
CA THR A 27 -3.44 -28.42 11.38
C THR A 27 -4.07 -28.58 9.99
N SER A 28 -5.36 -28.29 9.86
CA SER A 28 -6.01 -28.30 8.56
C SER A 28 -5.77 -27.01 7.74
N ASP A 29 -5.28 -25.98 8.40
CA ASP A 29 -5.17 -24.67 7.75
C ASP A 29 -4.05 -24.58 6.70
N PRO A 30 -4.41 -24.32 5.44
CA PRO A 30 -3.38 -24.28 4.39
C PRO A 30 -2.39 -23.14 4.62
N ILE A 31 -2.81 -22.05 5.25
CA ILE A 31 -1.88 -20.95 5.45
C ILE A 31 -0.78 -21.33 6.45
N ALA A 32 -1.20 -22.01 7.52
CA ALA A 32 -0.27 -22.39 8.57
C ALA A 32 0.64 -23.53 8.11
N ARG A 33 0.12 -24.38 7.24
CA ARG A 33 0.79 -25.59 6.83
C ARG A 33 1.78 -25.43 5.68
N ASN A 34 1.61 -24.40 4.85
CA ASN A 34 2.52 -24.21 3.72
C ASN A 34 3.55 -23.15 4.02
N SER A 35 4.76 -23.35 3.50
CA SER A 35 5.86 -22.44 3.78
C SER A 35 6.21 -21.53 2.63
N ASP A 36 5.57 -21.70 1.46
CA ASP A 36 5.84 -20.78 0.34
C ASP A 36 4.52 -20.56 -0.42
N LEU A 37 4.49 -19.52 -1.23
CA LEU A 37 3.20 -19.08 -1.83
C LEU A 37 2.77 -20.02 -2.94
N VAL A 38 3.73 -20.68 -3.58
CA VAL A 38 3.38 -21.59 -4.66
C VAL A 38 2.72 -22.86 -4.11
N SER A 39 3.27 -23.43 -3.04
CA SER A 39 2.65 -24.58 -2.41
C SER A 39 1.29 -24.22 -1.85
N LEU A 40 1.20 -23.02 -1.27
CA LEU A 40 -0.10 -22.55 -0.81
C LEU A 40 -1.13 -22.51 -1.94
N PHE A 41 -0.76 -21.85 -3.02
CA PHE A 41 -1.72 -21.70 -4.15
C PHE A 41 -2.08 -23.07 -4.69
N ARG A 42 -1.06 -23.89 -4.92
CA ARG A 42 -1.38 -25.21 -5.46
C ARG A 42 -2.34 -26.00 -4.58
N GLU A 43 -2.18 -25.94 -3.25
CA GLU A 43 -3.07 -26.67 -2.36
C GLU A 43 -4.47 -26.09 -2.45
N VAL A 44 -4.56 -24.76 -2.36
CA VAL A 44 -5.88 -24.14 -2.38
C VAL A 44 -6.59 -24.47 -3.68
N ALA A 45 -5.86 -24.44 -4.80
CA ALA A 45 -6.48 -24.82 -6.10
C ALA A 45 -6.84 -26.30 -6.18
N ALA A 46 -5.95 -27.19 -5.74
CA ALA A 46 -6.23 -28.63 -5.95
C ALA A 46 -7.40 -29.06 -5.09
N THR A 47 -7.55 -28.40 -3.96
CA THR A 47 -8.62 -28.77 -3.06
C THR A 47 -10.03 -28.50 -3.61
N ALA A 48 -10.19 -27.40 -4.32
CA ALA A 48 -11.50 -27.07 -4.90
C ALA A 48 -11.32 -26.33 -6.23
N PRO A 49 -11.00 -27.09 -7.28
CA PRO A 49 -10.45 -26.42 -8.46
C PRO A 49 -11.55 -25.76 -9.27
N GLU A 50 -12.81 -26.12 -9.02
CA GLU A 50 -13.84 -25.50 -9.83
C GLU A 50 -14.24 -24.11 -9.33
N ARG A 51 -13.88 -23.79 -8.08
CA ARG A 51 -14.22 -22.48 -7.51
C ARG A 51 -13.55 -21.36 -8.31
N THR A 52 -14.16 -20.17 -8.32
CA THR A 52 -13.62 -19.11 -9.16
C THR A 52 -12.46 -18.40 -8.49
N ALA A 53 -11.31 -18.35 -9.17
CA ALA A 53 -10.17 -17.61 -8.61
C ALA A 53 -10.12 -16.17 -9.08
N LEU A 54 -10.52 -15.94 -10.33
CA LEU A 54 -10.28 -14.67 -10.97
C LEU A 54 -11.45 -14.41 -11.89
N SER A 55 -11.99 -13.19 -11.88
CA SER A 55 -13.03 -12.87 -12.89
C SER A 55 -12.72 -11.54 -13.53
N ALA A 56 -13.05 -11.45 -14.82
CA ALA A 56 -12.88 -10.21 -15.58
C ALA A 56 -14.18 -10.09 -16.35
N GLU A 57 -15.00 -9.12 -15.96
CA GLU A 57 -16.37 -9.03 -16.46
C GLU A 57 -17.04 -10.39 -16.22
N ASP A 58 -17.62 -10.97 -17.26
CA ASP A 58 -18.32 -12.24 -17.02
C ASP A 58 -17.39 -13.46 -17.18
N ASP A 59 -16.13 -13.23 -17.52
CA ASP A 59 -15.18 -14.34 -17.73
C ASP A 59 -14.71 -14.81 -16.36
N ARG A 60 -15.07 -16.03 -16.01
CA ARG A 60 -14.70 -16.58 -14.71
C ARG A 60 -13.61 -17.61 -14.92
N ILE A 61 -12.50 -17.46 -14.23
CA ILE A 61 -11.38 -18.40 -14.38
C ILE A 61 -11.30 -19.20 -13.08
N SER A 62 -11.47 -20.52 -13.16
CA SER A 62 -11.47 -21.30 -11.95
C SER A 62 -10.03 -21.44 -11.42
N TYR A 63 -9.90 -21.86 -10.15
CA TYR A 63 -8.56 -22.12 -9.58
C TYR A 63 -7.86 -23.20 -10.40
N GLY A 64 -8.59 -24.25 -10.77
CA GLY A 64 -7.98 -25.29 -11.61
C GLY A 64 -7.45 -24.78 -12.93
N ARG A 65 -8.24 -23.93 -13.58
CA ARG A 65 -7.85 -23.35 -14.84
C ARG A 65 -6.66 -22.42 -14.66
N LEU A 66 -6.67 -21.64 -13.58
CA LEU A 66 -5.57 -20.71 -13.34
C LEU A 66 -4.27 -21.48 -13.05
N ASP A 67 -4.42 -22.56 -12.31
CA ASP A 67 -3.27 -23.36 -11.93
C ASP A 67 -2.64 -23.95 -13.21
N ALA A 68 -3.48 -24.50 -14.09
CA ALA A 68 -2.92 -25.09 -15.33
C ALA A 68 -2.33 -24.02 -16.25
N TRP A 69 -3.02 -22.87 -16.33
CA TRP A 69 -2.62 -21.80 -17.23
C TRP A 69 -1.26 -21.29 -16.77
N SER A 70 -1.11 -21.07 -15.46
CA SER A 70 0.14 -20.48 -14.95
C SER A 70 1.26 -21.51 -15.02
N ASP A 71 0.92 -22.80 -14.95
CA ASP A 71 1.96 -23.85 -15.17
C ASP A 71 2.43 -23.79 -16.62
N ALA A 72 1.51 -23.56 -17.57
CA ALA A 72 1.91 -23.48 -18.99
C ALA A 72 2.78 -22.27 -19.21
N VAL A 73 2.44 -21.14 -18.58
CA VAL A 73 3.25 -19.96 -18.79
C VAL A 73 4.60 -20.17 -18.13
N ALA A 74 4.64 -20.92 -17.04
CA ALA A 74 5.92 -21.16 -16.36
C ALA A 74 6.82 -21.93 -17.30
N ARG A 75 6.24 -22.84 -18.07
CA ARG A 75 7.04 -23.59 -19.07
C ARG A 75 7.61 -22.65 -20.11
N THR A 76 6.82 -21.67 -20.54
CA THR A 76 7.29 -20.67 -21.51
C THR A 76 8.46 -19.88 -20.93
N LEU A 77 8.39 -19.55 -19.65
CA LEU A 77 9.47 -18.81 -19.00
C LEU A 77 10.73 -19.67 -18.88
N LEU A 78 10.54 -20.93 -18.53
CA LEU A 78 11.68 -21.88 -18.50
C LEU A 78 12.44 -21.91 -19.82
N ALA A 79 11.70 -21.85 -20.92
CA ALA A 79 12.32 -21.84 -22.25
C ALA A 79 13.04 -20.54 -22.56
N GLU A 80 12.69 -19.47 -21.86
CA GLU A 80 13.43 -18.22 -21.96
C GLU A 80 14.59 -18.16 -20.95
N GLY A 81 14.88 -19.30 -20.34
CA GLY A 81 16.01 -19.42 -19.43
C GLY A 81 15.79 -18.92 -18.01
N VAL A 82 14.53 -18.63 -17.65
CA VAL A 82 14.26 -18.27 -16.28
C VAL A 82 14.49 -19.45 -15.37
N ARG A 83 15.21 -19.19 -14.28
CA ARG A 83 15.61 -20.22 -13.33
C ARG A 83 15.48 -19.72 -11.91
N PRO A 84 15.48 -20.64 -10.95
CA PRO A 84 15.32 -20.25 -9.56
C PRO A 84 16.31 -19.19 -9.12
N GLY A 85 15.81 -18.21 -8.38
CA GLY A 85 16.59 -17.04 -8.00
C GLY A 85 16.65 -15.86 -8.96
N ASP A 86 16.15 -16.02 -10.17
CA ASP A 86 16.16 -14.95 -11.15
C ASP A 86 15.15 -13.91 -10.72
N ARG A 87 15.35 -12.70 -11.21
CA ARG A 87 14.34 -11.65 -11.10
C ARG A 87 13.76 -11.41 -12.51
N VAL A 88 12.43 -11.46 -12.63
CA VAL A 88 11.81 -11.36 -13.92
C VAL A 88 10.95 -10.12 -13.84
N ALA A 89 11.14 -9.19 -14.77
CA ALA A 89 10.41 -7.91 -14.76
C ALA A 89 8.99 -8.19 -15.21
N LEU A 90 8.03 -7.39 -14.73
CA LEU A 90 6.63 -7.58 -15.09
C LEU A 90 6.08 -6.22 -15.38
N ARG A 91 5.66 -5.97 -16.62
CA ARG A 91 5.08 -4.68 -17.00
C ARG A 91 3.71 -4.91 -17.62
N MET A 92 2.68 -4.85 -16.78
CA MET A 92 1.33 -5.14 -17.24
C MET A 92 0.38 -4.39 -16.34
N SER A 93 -0.81 -4.07 -16.85
CA SER A 93 -1.81 -3.50 -15.96
C SER A 93 -2.44 -4.65 -15.16
N PRO A 94 -3.00 -4.35 -13.97
CA PRO A 94 -3.58 -5.45 -13.19
C PRO A 94 -4.76 -6.01 -13.97
N GLY A 95 -4.69 -7.31 -14.25
CA GLY A 95 -5.64 -7.99 -15.10
C GLY A 95 -5.35 -9.47 -15.01
N ALA A 96 -6.16 -10.31 -15.66
CA ALA A 96 -5.97 -11.74 -15.53
C ALA A 96 -4.57 -12.17 -15.95
N GLU A 97 -4.11 -11.66 -17.09
CA GLU A 97 -2.80 -12.10 -17.60
C GLU A 97 -1.69 -11.77 -16.63
N ALA A 98 -1.78 -10.62 -15.97
CA ALA A 98 -0.74 -10.26 -15.02
C ALA A 98 -0.69 -11.20 -13.84
N ILE A 99 -1.84 -11.67 -13.38
CA ILE A 99 -1.88 -12.58 -12.24
C ILE A 99 -1.31 -13.94 -12.67
N VAL A 100 -1.64 -14.36 -13.89
CA VAL A 100 -1.12 -15.61 -14.42
C VAL A 100 0.42 -15.50 -14.47
N ALA A 101 0.89 -14.36 -14.92
CA ALA A 101 2.35 -14.09 -15.04
C ALA A 101 3.06 -14.13 -13.70
N ILE A 102 2.47 -13.48 -12.69
CA ILE A 102 3.04 -13.59 -11.36
C ILE A 102 3.14 -15.02 -10.87
N LEU A 103 2.04 -15.78 -10.96
CA LEU A 103 2.12 -17.17 -10.54
C LEU A 103 3.18 -17.96 -11.31
N ALA A 104 3.31 -17.70 -12.61
CA ALA A 104 4.26 -18.43 -13.44
C ALA A 104 5.66 -18.09 -12.97
N ILE A 105 5.91 -16.82 -12.74
CA ILE A 105 7.26 -16.40 -12.27
C ILE A 105 7.59 -17.09 -10.95
N LEU A 106 6.66 -17.09 -10.02
CA LEU A 106 6.90 -17.70 -8.73
C LEU A 106 7.09 -19.20 -8.87
N LYS A 107 6.29 -19.86 -9.74
CA LYS A 107 6.43 -21.31 -9.95
C LYS A 107 7.80 -21.70 -10.48
N CYS A 108 8.43 -20.79 -11.21
CA CYS A 108 9.78 -21.02 -11.73
C CYS A 108 10.83 -20.86 -10.64
N GLY A 109 10.42 -20.45 -9.45
CA GLY A 109 11.38 -20.25 -8.36
C GLY A 109 12.00 -18.86 -8.40
N ALA A 110 11.43 -17.98 -9.22
CA ALA A 110 11.94 -16.65 -9.45
C ALA A 110 11.08 -15.60 -8.71
N ALA A 111 11.53 -14.36 -8.76
CA ALA A 111 10.83 -13.26 -8.07
C ALA A 111 10.40 -12.27 -9.13
N TYR A 112 9.25 -11.64 -8.95
CA TYR A 112 8.84 -10.68 -9.94
C TYR A 112 9.19 -9.25 -9.55
N VAL A 113 9.48 -8.44 -10.55
CA VAL A 113 9.90 -7.04 -10.36
C VAL A 113 8.95 -6.19 -11.16
N PRO A 114 7.90 -5.66 -10.48
CA PRO A 114 6.88 -4.93 -11.22
C PRO A 114 7.38 -3.57 -11.69
N VAL A 115 7.08 -3.25 -12.95
CA VAL A 115 7.42 -1.96 -13.53
C VAL A 115 6.14 -1.10 -13.63
N ASP A 116 6.07 -0.03 -12.85
CA ASP A 116 4.89 0.81 -12.85
C ASP A 116 4.69 1.35 -14.26
N LEU A 117 3.47 1.27 -14.79
CA LEU A 117 3.26 1.70 -16.17
C LEU A 117 3.52 3.19 -16.32
N ARG A 118 3.35 3.92 -15.22
CA ARG A 118 3.50 5.38 -15.23
C ARG A 118 4.90 5.87 -14.86
N ASN A 119 5.85 4.94 -14.68
CA ASN A 119 7.23 5.33 -14.39
C ASN A 119 7.73 6.22 -15.52
N PRO A 120 8.52 7.24 -15.19
CA PRO A 120 9.35 7.87 -16.22
C PRO A 120 10.30 6.83 -16.81
N VAL A 121 10.63 6.93 -18.09
CA VAL A 121 11.49 5.94 -18.72
C VAL A 121 12.79 5.68 -17.94
N SER A 122 13.37 6.72 -17.37
CA SER A 122 14.67 6.55 -16.72
C SER A 122 14.55 5.68 -15.46
N ARG A 123 13.43 5.79 -14.77
CA ARG A 123 13.18 5.02 -13.55
C ARG A 123 13.05 3.52 -13.89
N SER A 124 12.28 3.23 -14.92
CA SER A 124 12.13 1.86 -15.40
C SER A 124 13.51 1.30 -15.81
N ASP A 125 14.31 2.13 -16.48
CA ASP A 125 15.65 1.70 -16.89
C ASP A 125 16.51 1.32 -15.68
N PHE A 126 16.43 2.15 -14.64
CA PHE A 126 17.18 1.89 -13.42
C PHE A 126 16.69 0.62 -12.74
N ILE A 127 15.38 0.47 -12.61
CA ILE A 127 14.86 -0.70 -11.91
C ILE A 127 15.31 -1.98 -12.61
N LEU A 128 15.26 -1.99 -13.94
CA LEU A 128 15.64 -3.17 -14.68
C LEU A 128 17.14 -3.46 -14.50
N ALA A 129 17.96 -2.42 -14.55
CA ALA A 129 19.41 -2.57 -14.38
C ALA A 129 19.74 -3.02 -12.97
N ASP A 130 19.21 -2.31 -11.99
CA ASP A 130 19.50 -2.56 -10.59
C ASP A 130 19.04 -3.94 -10.12
N SER A 131 17.89 -4.39 -10.60
CA SER A 131 17.38 -5.71 -10.19
C SER A 131 18.07 -6.88 -10.91
N GLY A 132 18.83 -6.61 -11.95
CA GLY A 132 19.46 -7.68 -12.71
C GLY A 132 18.41 -8.54 -13.39
N ALA A 133 17.25 -7.95 -13.67
CA ALA A 133 16.18 -8.69 -14.34
C ALA A 133 16.68 -9.34 -15.61
N SER A 134 16.38 -10.61 -15.78
CA SER A 134 16.91 -11.32 -16.96
C SER A 134 15.86 -11.72 -17.98
N ALA A 135 14.60 -11.35 -17.73
CA ALA A 135 13.51 -11.54 -18.68
C ALA A 135 12.42 -10.55 -18.24
N LEU A 136 11.45 -10.32 -19.12
CA LEU A 136 10.33 -9.43 -18.80
C LEU A 136 9.10 -10.09 -19.32
N ILE A 137 8.00 -10.03 -18.57
CA ILE A 137 6.74 -10.52 -19.10
C ILE A 137 5.81 -9.32 -19.21
N GLY A 138 5.08 -9.23 -20.31
CA GLY A 138 4.19 -8.10 -20.56
C GLY A 138 4.69 -7.28 -21.73
N GLU A 139 4.55 -5.95 -21.63
CA GLU A 139 4.91 -5.04 -22.69
C GLU A 139 6.06 -4.14 -22.26
N PRO A 140 7.21 -4.26 -22.94
CA PRO A 140 8.39 -3.46 -22.59
C PRO A 140 8.14 -1.96 -22.75
N HIS A 141 8.69 -1.16 -21.84
CA HIS A 141 8.62 0.29 -21.99
C HIS A 141 9.51 0.76 -23.13
N GLU A 142 9.24 1.94 -23.68
CA GLU A 142 9.98 2.41 -24.85
C GLU A 142 11.45 2.57 -24.48
N GLY A 143 12.31 1.80 -25.15
CA GLY A 143 13.73 1.85 -24.91
C GLY A 143 14.20 0.86 -23.88
N CYS A 144 13.35 -0.12 -23.60
CA CYS A 144 13.65 -1.14 -22.60
C CYS A 144 14.87 -1.96 -22.99
N ALA A 145 15.78 -2.13 -22.05
CA ALA A 145 17.05 -2.81 -22.31
C ALA A 145 17.00 -4.32 -22.11
N VAL A 146 15.86 -4.82 -21.66
CA VAL A 146 15.68 -6.27 -21.53
C VAL A 146 15.11 -6.85 -22.81
N THR A 147 15.77 -7.88 -23.32
CA THR A 147 15.49 -8.38 -24.66
C THR A 147 14.61 -9.62 -24.69
N ARG A 148 14.73 -10.46 -23.67
CA ARG A 148 14.00 -11.71 -23.57
C ARG A 148 12.62 -11.46 -22.97
N VAL A 149 11.61 -11.39 -23.83
CA VAL A 149 10.27 -10.91 -23.49
C VAL A 149 9.22 -11.95 -23.81
N VAL A 150 8.35 -12.22 -22.83
CA VAL A 150 7.13 -12.97 -23.08
C VAL A 150 6.02 -11.91 -23.09
N ARG A 151 5.43 -11.65 -24.26
CA ARG A 151 4.43 -10.60 -24.38
C ARG A 151 3.12 -11.08 -23.78
N THR A 152 2.29 -10.11 -23.43
CA THR A 152 0.97 -10.38 -22.87
C THR A 152 0.23 -11.39 -23.76
N ALA A 153 0.35 -11.25 -25.08
CA ALA A 153 -0.40 -12.14 -25.98
C ALA A 153 0.01 -13.59 -25.86
N ALA A 154 1.29 -13.83 -25.58
CA ALA A 154 1.78 -15.17 -25.38
C ALA A 154 1.22 -15.76 -24.07
N VAL A 155 1.08 -14.92 -23.06
CA VAL A 155 0.42 -15.37 -21.83
C VAL A 155 -1.01 -15.81 -22.17
N ALA A 156 -1.73 -14.98 -22.89
CA ALA A 156 -3.12 -15.28 -23.18
C ALA A 156 -3.24 -16.57 -24.02
N GLU A 157 -2.25 -16.82 -24.89
CA GLU A 157 -2.29 -18.03 -25.73
C GLU A 157 -2.24 -19.35 -24.95
N CYS A 158 -1.78 -19.30 -23.71
CA CYS A 158 -1.59 -20.50 -22.90
C CYS A 158 -2.86 -20.86 -22.14
N LYS A 159 -3.89 -20.04 -22.29
CA LYS A 159 -5.03 -20.10 -21.37
C LYS A 159 -5.76 -21.43 -21.23
N ASP A 160 -5.94 -22.16 -22.30
CA ASP A 160 -6.70 -23.39 -22.07
C ASP A 160 -5.93 -24.62 -22.54
N ALA A 161 -4.72 -24.75 -21.99
CA ALA A 161 -3.94 -25.97 -22.21
C ALA A 161 -3.75 -26.74 -20.87
N GLU A 162 -3.48 -28.05 -20.97
CA GLU A 162 -3.60 -29.02 -19.85
C GLU A 162 -2.63 -28.90 -18.64
N PRO A 163 -2.93 -29.62 -17.52
CA PRO A 163 -1.92 -29.66 -16.44
C PRO A 163 -0.73 -30.58 -16.79
N PRO A 170 12.06 -27.98 -7.54
CA PRO A 170 11.79 -27.14 -8.71
C PRO A 170 11.02 -25.88 -8.31
N GLY A 171 10.21 -26.02 -7.26
CA GLY A 171 9.43 -24.91 -6.74
C GLY A 171 10.16 -24.16 -5.64
N PRO A 172 9.72 -22.93 -5.34
CA PRO A 172 10.44 -22.09 -4.37
C PRO A 172 10.32 -22.57 -2.94
N GLY A 173 11.29 -22.17 -2.12
CA GLY A 173 11.21 -22.42 -0.69
C GLY A 173 10.90 -21.14 0.08
N ALA A 174 10.65 -21.29 1.37
CA ALA A 174 10.37 -20.14 2.25
C ALA A 174 11.38 -19.01 2.10
N GLU A 175 12.68 -19.32 2.05
CA GLU A 175 13.61 -18.20 2.05
C GLU A 175 13.94 -17.62 0.69
N ASP A 176 13.29 -18.12 -0.37
CA ASP A 176 13.42 -17.58 -1.71
C ASP A 176 12.63 -16.25 -1.87
N MET A 177 13.16 -15.35 -2.70
CA MET A 177 12.49 -14.07 -2.95
C MET A 177 11.22 -14.34 -3.77
N ALA A 178 10.17 -13.57 -3.45
CA ALA A 178 8.91 -13.65 -4.20
C ALA A 178 8.76 -12.42 -5.10
N TYR A 179 9.18 -11.25 -4.59
CA TYR A 179 9.17 -10.04 -5.42
C TYR A 179 10.23 -9.06 -4.93
N VAL A 180 10.53 -8.12 -5.80
CA VAL A 180 11.35 -6.95 -5.43
C VAL A 180 10.55 -5.74 -5.88
N ILE A 181 10.09 -4.99 -4.90
CA ILE A 181 9.39 -3.76 -5.18
C ILE A 181 10.31 -2.61 -4.77
N TYR A 182 10.35 -1.61 -5.63
CA TYR A 182 11.20 -0.44 -5.48
C TYR A 182 10.46 0.67 -4.75
N THR A 183 11.16 1.30 -3.81
CA THR A 183 10.59 2.38 -3.03
C THR A 183 11.47 3.62 -3.09
N SER A 184 10.82 4.79 -3.10
CA SER A 184 11.48 6.11 -3.21
C SER A 184 12.21 6.31 -4.54
N PRO A 190 15.92 5.03 -6.37
CA PRO A 190 14.92 4.05 -5.89
C PRO A 190 15.63 2.86 -5.23
N LYS A 191 15.13 2.34 -4.11
CA LYS A 191 15.79 1.23 -3.40
C LYS A 191 14.95 -0.02 -3.63
N GLY A 192 15.58 -1.11 -4.00
CA GLY A 192 14.84 -2.34 -4.23
C GLY A 192 14.65 -3.12 -2.97
N VAL A 193 13.41 -3.55 -2.71
CA VAL A 193 13.14 -4.30 -1.50
C VAL A 193 12.75 -5.75 -1.84
N PRO A 194 13.67 -6.70 -1.60
CA PRO A 194 13.32 -8.10 -1.86
C PRO A 194 12.52 -8.65 -0.70
N VAL A 195 11.36 -9.22 -1.01
CA VAL A 195 10.50 -9.80 -0.01
C VAL A 195 10.35 -11.28 -0.31
N ARG A 196 10.52 -12.08 0.72
CA ARG A 196 10.60 -13.52 0.55
C ARG A 196 9.25 -14.14 0.72
N HIS A 197 9.12 -15.35 0.19
CA HIS A 197 7.95 -16.14 0.46
C HIS A 197 7.55 -16.19 1.92
N ALA A 198 8.52 -16.41 2.82
CA ALA A 198 8.20 -16.51 4.23
C ALA A 198 7.64 -15.19 4.79
N ASN A 199 8.14 -14.07 4.28
CA ASN A 199 7.66 -12.75 4.72
C ASN A 199 6.15 -12.66 4.41
N VAL A 200 5.79 -13.05 3.21
CA VAL A 200 4.39 -12.90 2.78
C VAL A 200 3.51 -13.88 3.55
N LEU A 201 3.99 -15.10 3.76
CA LEU A 201 3.25 -16.04 4.58
C LEU A 201 3.03 -15.54 5.99
N ALA A 202 4.01 -14.82 6.53
CA ALA A 202 3.83 -14.28 7.85
C ALA A 202 2.71 -13.26 7.88
N LEU A 203 2.66 -12.42 6.87
CA LEU A 203 1.58 -11.43 6.76
C LEU A 203 0.24 -12.17 6.69
N LEU A 204 0.19 -13.14 5.80
CA LEU A 204 -1.08 -13.87 5.61
C LEU A 204 -1.53 -14.58 6.87
N ALA A 205 -0.60 -15.09 7.67
CA ALA A 205 -0.93 -15.78 8.91
C ALA A 205 -1.37 -14.81 9.98
N GLY A 206 -0.92 -13.57 9.86
CA GLY A 206 -1.31 -12.56 10.83
C GLY A 206 -2.67 -11.92 10.56
N ALA A 207 -3.05 -11.81 9.29
CA ALA A 207 -4.32 -11.18 8.93
C ALA A 207 -5.54 -11.64 9.73
N PRO A 208 -5.69 -12.96 9.97
CA PRO A 208 -6.90 -13.42 10.67
C PRO A 208 -6.95 -12.97 12.14
N SER A 209 -5.88 -12.39 12.68
CA SER A 209 -5.99 -11.78 14.00
C SER A 209 -6.88 -10.52 13.97
N VAL A 210 -7.14 -10.00 12.77
CA VAL A 210 -7.90 -8.75 12.57
C VAL A 210 -9.14 -8.95 11.71
N PHE A 211 -8.99 -9.75 10.64
CA PHE A 211 -10.06 -9.91 9.64
C PHE A 211 -10.71 -11.27 9.65
N ASP A 212 -12.00 -11.28 9.35
CA ASP A 212 -12.73 -12.53 9.17
C ASP A 212 -12.94 -12.74 7.66
N PHE A 213 -11.96 -13.39 7.02
CA PHE A 213 -12.02 -13.63 5.58
C PHE A 213 -12.37 -15.10 5.36
N SER A 214 -13.01 -15.39 4.23
CA SER A 214 -13.31 -16.79 3.89
C SER A 214 -13.28 -16.94 2.37
N GLY A 215 -13.40 -18.18 1.86
CA GLY A 215 -13.43 -18.33 0.42
C GLY A 215 -14.68 -17.84 -0.31
N ASP A 216 -15.66 -17.33 0.43
CA ASP A 216 -16.82 -16.71 -0.22
C ASP A 216 -16.65 -15.19 -0.42
N ASP A 217 -15.54 -14.64 0.04
CA ASP A 217 -15.31 -13.22 -0.26
C ASP A 217 -14.97 -13.01 -1.71
N ARG A 218 -15.12 -11.77 -2.16
CA ARG A 218 -14.69 -11.41 -3.50
C ARG A 218 -13.89 -10.15 -3.31
N TRP A 219 -12.63 -10.19 -3.72
CA TRP A 219 -11.71 -9.07 -3.50
C TRP A 219 -11.50 -8.30 -4.78
N LEU A 220 -11.58 -6.96 -4.75
CA LEU A 220 -11.31 -6.21 -5.98
C LEU A 220 -9.79 -6.08 -6.21
N LEU A 221 -9.32 -6.46 -7.38
CA LEU A 221 -7.91 -6.21 -7.73
C LEU A 221 -7.94 -4.85 -8.35
N PHE A 222 -7.24 -3.91 -7.74
CA PHE A 222 -7.27 -2.56 -8.25
C PHE A 222 -5.88 -1.94 -8.46
N HIS A 223 -5.05 -2.11 -7.46
CA HIS A 223 -3.80 -1.33 -7.44
C HIS A 223 -2.75 -1.81 -8.43
N SER A 224 -1.93 -0.85 -8.87
CA SER A 224 -0.80 -1.15 -9.72
C SER A 224 0.01 -2.28 -9.11
N LEU A 225 0.53 -3.14 -9.96
CA LEU A 225 1.31 -4.27 -9.47
C LEU A 225 2.61 -3.76 -8.84
N SER A 226 2.95 -2.49 -9.06
CA SER A 226 4.17 -1.94 -8.52
C SER A 226 4.02 -1.48 -7.08
N PHE A 227 2.78 -1.50 -6.55
CA PHE A 227 2.48 -1.13 -5.20
C PHE A 227 2.22 -2.37 -4.38
N ASP A 228 2.78 -2.46 -3.17
CA ASP A 228 2.56 -3.71 -2.44
C ASP A 228 1.12 -3.92 -1.96
N PHE A 229 0.29 -2.88 -2.06
CA PHE A 229 -1.15 -3.10 -1.82
C PHE A 229 -1.64 -4.25 -2.70
N SER A 230 -1.12 -4.33 -3.92
CA SER A 230 -1.58 -5.36 -4.85
C SER A 230 -1.16 -6.75 -4.39
N VAL A 231 -0.03 -6.87 -3.68
CA VAL A 231 0.38 -8.16 -3.13
C VAL A 231 -0.66 -8.65 -2.13
N TRP A 232 -1.14 -7.72 -1.32
CA TRP A 232 -2.22 -8.01 -0.39
C TRP A 232 -3.58 -8.35 -1.07
N GLU A 233 -3.93 -7.61 -2.13
CA GLU A 233 -5.20 -7.88 -2.81
C GLU A 233 -5.11 -9.32 -3.39
N ILE A 234 -3.98 -9.63 -4.02
CA ILE A 234 -3.87 -10.93 -4.67
C ILE A 234 -3.82 -12.09 -3.69
N TRP A 235 -2.96 -12.00 -2.69
CA TRP A 235 -2.79 -13.10 -1.76
C TRP A 235 -3.80 -13.18 -0.64
N GLY A 236 -4.41 -12.04 -0.29
CA GLY A 236 -5.57 -12.07 0.61
C GLY A 236 -6.63 -12.99 -0.01
N ALA A 237 -6.90 -12.80 -1.30
CA ALA A 237 -7.87 -13.63 -2.02
C ALA A 237 -7.38 -15.08 -2.12
N PHE A 238 -6.19 -15.26 -2.68
CA PHE A 238 -5.78 -16.62 -3.00
C PHE A 238 -5.51 -17.43 -1.75
N SER A 239 -5.00 -16.80 -0.68
CA SER A 239 -4.66 -17.60 0.50
C SER A 239 -5.90 -18.17 1.18
N THR A 240 -7.05 -17.58 0.88
CA THR A 240 -8.31 -17.99 1.49
C THR A 240 -9.23 -18.72 0.49
N GLY A 241 -8.80 -18.89 -0.77
CA GLY A 241 -9.61 -19.54 -1.78
C GLY A 241 -10.73 -18.66 -2.29
N ALA A 242 -10.59 -17.36 -2.08
CA ALA A 242 -11.61 -16.42 -2.56
C ALA A 242 -11.43 -16.00 -4.02
N GLU A 243 -12.35 -15.16 -4.50
CA GLU A 243 -12.30 -14.69 -5.89
C GLU A 243 -11.71 -13.32 -5.98
N LEU A 244 -10.77 -13.15 -6.90
CA LEU A 244 -10.18 -11.85 -7.20
C LEU A 244 -10.96 -11.30 -8.40
N VAL A 245 -11.65 -10.19 -8.19
CA VAL A 245 -12.39 -9.50 -9.28
C VAL A 245 -11.54 -8.43 -9.93
N VAL A 246 -11.33 -8.53 -11.24
CA VAL A 246 -10.48 -7.55 -11.94
C VAL A 246 -11.35 -6.33 -12.30
N LEU A 247 -10.87 -5.14 -11.97
CA LEU A 247 -11.60 -3.93 -12.40
C LEU A 247 -11.40 -3.80 -13.89
N PRO A 248 -12.49 -3.79 -14.65
CA PRO A 248 -12.37 -3.62 -16.11
C PRO A 248 -11.80 -2.28 -16.52
N HIS A 249 -11.15 -2.23 -17.69
CA HIS A 249 -10.53 -1.00 -18.15
C HIS A 249 -11.53 0.12 -18.31
N TRP A 250 -12.74 -0.22 -18.76
CA TRP A 250 -13.77 0.79 -18.90
C TRP A 250 -14.14 1.47 -17.60
N ALA A 251 -13.86 0.82 -16.46
CA ALA A 251 -14.26 1.33 -15.16
C ALA A 251 -13.11 1.95 -14.38
N ALA A 252 -12.05 2.28 -15.09
CA ALA A 252 -10.78 2.67 -14.49
C ALA A 252 -10.75 4.14 -14.07
N ARG A 253 -11.73 4.93 -14.51
CA ARG A 253 -11.59 6.39 -14.40
C ARG A 253 -12.36 7.07 -13.27
N THR A 254 -13.61 6.67 -13.02
CA THR A 254 -14.43 7.43 -12.09
C THR A 254 -14.91 6.58 -10.92
N PRO A 255 -15.17 7.23 -9.78
CA PRO A 255 -15.69 6.48 -8.64
C PRO A 255 -17.10 5.93 -8.94
N GLU A 256 -17.87 6.61 -9.79
CA GLU A 256 -19.15 6.03 -10.21
C GLU A 256 -18.95 4.67 -10.92
N GLN A 257 -17.93 4.59 -11.77
CA GLN A 257 -17.68 3.34 -12.48
C GLN A 257 -17.20 2.29 -11.50
N TYR A 258 -16.35 2.69 -10.57
CA TYR A 258 -15.84 1.78 -9.54
C TYR A 258 -16.99 1.13 -8.75
N LEU A 259 -17.87 1.98 -8.21
CA LEU A 259 -19.03 1.52 -7.46
C LEU A 259 -19.91 0.61 -8.27
N ALA A 260 -20.12 0.96 -9.53
CA ALA A 260 -20.99 0.11 -10.39
C ALA A 260 -20.42 -1.31 -10.42
N VAL A 261 -19.10 -1.41 -10.60
CA VAL A 261 -18.47 -2.74 -10.68
C VAL A 261 -18.48 -3.46 -9.31
N ILE A 262 -18.11 -2.77 -8.25
CA ILE A 262 -18.10 -3.50 -6.99
C ILE A 262 -19.47 -4.01 -6.60
N ILE A 263 -20.50 -3.25 -6.98
CA ILE A 263 -21.85 -3.70 -6.65
C ILE A 263 -22.32 -4.80 -7.61
N ASP A 264 -22.09 -4.61 -8.90
CA ASP A 264 -22.50 -5.56 -9.94
C ASP A 264 -21.86 -6.91 -9.67
N ARG A 265 -20.56 -6.87 -9.37
CA ARG A 265 -19.81 -8.14 -9.24
C ARG A 265 -19.77 -8.74 -7.81
N GLY A 266 -20.51 -8.16 -6.85
CA GLY A 266 -20.63 -8.72 -5.50
C GLY A 266 -19.33 -8.70 -4.71
N VAL A 267 -18.57 -7.64 -4.94
CA VAL A 267 -17.32 -7.46 -4.18
C VAL A 267 -17.58 -7.28 -2.70
N THR A 268 -16.78 -7.96 -1.86
CA THR A 268 -16.92 -7.87 -0.43
C THR A 268 -15.72 -7.20 0.24
N VAL A 269 -14.58 -7.18 -0.46
CA VAL A 269 -13.37 -6.58 0.18
C VAL A 269 -12.77 -5.59 -0.80
N ILE A 270 -12.62 -4.32 -0.36
CA ILE A 270 -11.89 -3.37 -1.19
C ILE A 270 -10.79 -2.72 -0.37
N ASN A 271 -9.74 -2.31 -1.07
CA ASN A 271 -8.57 -1.72 -0.42
C ASN A 271 -8.38 -0.36 -1.08
N GLN A 272 -8.28 0.70 -0.29
CA GLN A 272 -8.22 2.02 -0.88
C GLN A 272 -7.26 2.94 -0.12
N THR A 273 -6.70 3.92 -0.81
CA THR A 273 -6.08 5.03 -0.08
C THR A 273 -7.18 5.87 0.53
N PRO A 274 -6.85 6.56 1.62
CA PRO A 274 -7.83 7.52 2.13
C PRO A 274 -8.27 8.46 1.04
N THR A 275 -7.36 8.92 0.15
CA THR A 275 -7.73 9.83 -0.91
C THR A 275 -8.83 9.27 -1.80
N ALA A 276 -8.65 8.03 -2.24
CA ALA A 276 -9.65 7.39 -3.10
C ALA A 276 -10.99 7.25 -2.39
N PHE A 277 -10.94 7.02 -1.08
CA PHE A 277 -12.14 6.83 -0.27
C PHE A 277 -12.99 8.11 -0.24
N LEU A 278 -12.36 9.28 -0.29
CA LEU A 278 -13.15 10.52 -0.35
C LEU A 278 -14.02 10.56 -1.60
N ALA A 279 -13.42 10.20 -2.72
CA ALA A 279 -14.12 10.21 -4.00
C ALA A 279 -15.21 9.13 -4.00
N LEU A 280 -14.90 7.96 -3.44
CA LEU A 280 -15.87 6.87 -3.38
C LEU A 280 -17.07 7.26 -2.54
N THR A 281 -16.81 7.91 -1.40
CA THR A 281 -17.91 8.27 -0.51
C THR A 281 -18.86 9.25 -1.22
N GLU A 282 -18.29 10.27 -1.83
CA GLU A 282 -19.11 11.30 -2.45
C GLU A 282 -19.96 10.68 -3.55
N ALA A 283 -19.38 9.75 -4.31
CA ALA A 283 -20.14 9.14 -5.41
C ALA A 283 -21.24 8.20 -4.85
N ALA A 284 -20.95 7.50 -3.76
CA ALA A 284 -21.93 6.55 -3.21
C ALA A 284 -23.13 7.34 -2.70
N VAL A 285 -22.83 8.45 -2.06
CA VAL A 285 -23.88 9.20 -1.39
C VAL A 285 -24.72 9.89 -2.43
N ARG A 286 -24.06 10.54 -3.39
CA ARG A 286 -24.81 11.30 -4.39
C ARG A 286 -25.59 10.37 -5.31
N GLY A 287 -25.04 9.18 -5.55
CA GLY A 287 -25.62 8.26 -6.52
C GLY A 287 -26.68 7.32 -5.96
N GLY A 288 -26.89 7.37 -4.65
CA GLY A 288 -27.84 6.50 -4.00
C GLY A 288 -27.46 5.04 -4.05
N ARG A 289 -26.17 4.76 -4.16
CA ARG A 289 -25.77 3.36 -4.29
C ARG A 289 -25.83 2.60 -2.99
N ASP A 290 -25.99 1.27 -3.09
CA ASP A 290 -26.02 0.40 -1.92
C ASP A 290 -24.63 -0.20 -1.73
N VAL A 291 -23.93 0.26 -0.70
CA VAL A 291 -22.57 -0.22 -0.40
C VAL A 291 -22.56 -1.40 0.58
N SER A 292 -23.75 -1.86 1.01
CA SER A 292 -23.78 -2.69 2.19
C SER A 292 -23.45 -4.18 1.90
N GLY A 293 -23.21 -4.44 0.62
CA GLY A 293 -22.66 -5.73 0.18
C GLY A 293 -21.19 -5.86 0.58
N LEU A 294 -20.51 -4.71 0.70
CA LEU A 294 -19.12 -4.75 1.20
C LEU A 294 -19.02 -5.26 2.63
N ARG A 295 -18.03 -6.11 2.89
CA ARG A 295 -17.73 -6.52 4.25
C ARG A 295 -16.61 -5.71 4.89
N TYR A 296 -15.61 -5.36 4.06
CA TYR A 296 -14.48 -4.58 4.58
C TYR A 296 -14.03 -3.54 3.58
N VAL A 297 -13.72 -2.34 4.07
CA VAL A 297 -12.95 -1.35 3.32
C VAL A 297 -11.66 -1.19 4.09
N ILE A 298 -10.53 -1.46 3.45
CA ILE A 298 -9.22 -1.45 4.15
C ILE A 298 -8.39 -0.30 3.60
N PHE A 299 -7.97 0.60 4.49
CA PHE A 299 -7.27 1.81 4.04
C PHE A 299 -5.78 1.55 4.17
N GLY A 300 -4.99 2.15 3.29
CA GLY A 300 -3.54 2.09 3.48
C GLY A 300 -2.86 3.21 2.73
N GLY A 301 -1.62 3.49 3.13
CA GLY A 301 -0.76 4.35 2.34
C GLY A 301 -0.62 5.81 2.77
N GLU A 302 -1.61 6.31 3.51
CA GLU A 302 -1.72 7.75 3.82
C GLU A 302 -2.32 7.92 5.20
N LYS A 303 -2.02 9.06 5.85
CA LYS A 303 -2.57 9.32 7.16
C LYS A 303 -4.10 9.41 7.03
N LEU A 304 -4.82 8.70 7.90
CA LEU A 304 -6.28 8.72 7.90
C LEU A 304 -6.79 9.48 9.12
N THR A 305 -7.60 10.51 8.89
CA THR A 305 -8.22 11.25 9.95
C THR A 305 -9.72 11.26 9.83
N ALA A 306 -10.37 11.61 10.92
CA ALA A 306 -11.83 11.50 11.02
C ALA A 306 -12.59 12.32 9.98
N PRO A 307 -12.04 13.49 9.54
CA PRO A 307 -12.85 14.20 8.52
C PRO A 307 -13.02 13.42 7.20
N MET A 308 -12.13 12.47 6.97
CA MET A 308 -12.19 11.60 5.79
C MET A 308 -13.22 10.48 5.94
N LEU A 309 -13.65 10.26 7.18
CA LEU A 309 -14.51 9.11 7.53
C LEU A 309 -15.93 9.52 7.90
N ARG A 310 -16.10 10.71 8.47
CA ARG A 310 -17.42 11.01 9.03
C ARG A 310 -18.56 10.99 8.00
N PRO A 311 -18.32 11.46 6.77
CA PRO A 311 -19.42 11.42 5.80
C PRO A 311 -19.86 10.01 5.44
N TRP A 312 -18.94 9.07 5.31
CA TRP A 312 -19.37 7.69 5.01
C TRP A 312 -20.14 7.13 6.21
N ALA A 313 -19.60 7.36 7.42
CA ALA A 313 -20.22 6.82 8.61
C ALA A 313 -21.63 7.37 8.78
N LYS A 314 -21.80 8.65 8.45
CA LYS A 314 -23.12 9.28 8.49
C LYS A 314 -24.14 8.56 7.61
N ALA A 315 -23.72 8.16 6.41
CA ALA A 315 -24.66 7.63 5.44
C ALA A 315 -24.83 6.13 5.67
N PHE A 316 -23.74 5.47 6.05
CA PHE A 316 -23.70 4.00 5.98
C PHE A 316 -23.36 3.29 7.28
N GLY A 317 -22.95 4.03 8.30
CA GLY A 317 -22.52 3.42 9.54
C GLY A 317 -21.13 2.78 9.46
N LEU A 318 -20.81 1.94 10.43
CA LEU A 318 -19.44 1.42 10.59
C LEU A 318 -19.42 -0.12 10.63
N ASP A 319 -20.55 -0.73 10.32
CA ASP A 319 -20.68 -2.19 10.43
C ASP A 319 -20.69 -2.93 9.13
N ARG A 320 -21.34 -2.37 8.12
CA ARG A 320 -21.48 -3.05 6.83
C ARG A 320 -21.26 -2.09 5.69
N PRO A 321 -20.01 -1.90 5.28
CA PRO A 321 -18.80 -2.61 5.70
C PRO A 321 -18.15 -2.13 6.99
N ARG A 322 -17.28 -2.98 7.53
CA ARG A 322 -16.36 -2.49 8.55
C ARG A 322 -15.26 -1.72 7.83
N LEU A 323 -14.75 -0.68 8.47
CA LEU A 323 -13.66 0.11 7.90
C LEU A 323 -12.43 -0.10 8.80
N VAL A 324 -11.26 -0.32 8.19
CA VAL A 324 -10.09 -0.68 8.97
C VAL A 324 -8.89 0.06 8.40
N ASN A 325 -8.23 0.86 9.22
CA ASN A 325 -7.07 1.58 8.80
C ASN A 325 -5.86 0.67 8.92
N GLY A 326 -5.08 0.55 7.87
CA GLY A 326 -3.89 -0.31 7.91
C GLY A 326 -2.66 0.54 7.67
N TYR A 327 -1.68 0.41 8.54
CA TYR A 327 -0.39 1.06 8.37
C TYR A 327 0.64 -0.01 8.05
N GLY A 328 1.49 0.26 7.08
CA GLY A 328 2.57 -0.65 6.77
C GLY A 328 3.55 -0.06 5.78
N ILE A 329 4.53 -0.88 5.40
CA ILE A 329 5.70 -0.40 4.67
C ILE A 329 6.19 -1.52 3.79
N THR A 330 6.69 -1.18 2.62
CA THR A 330 7.22 -2.21 1.68
C THR A 330 8.26 -3.09 2.40
N GLU A 331 9.17 -2.46 3.12
CA GLU A 331 10.21 -3.17 3.90
C GLU A 331 9.71 -4.14 4.98
N THR A 332 8.44 -4.05 5.40
CA THR A 332 7.95 -4.96 6.42
C THR A 332 6.67 -5.71 5.91
N THR A 333 6.65 -5.92 4.60
CA THR A 333 5.64 -6.78 3.97
C THR A 333 4.22 -6.26 4.17
N VAL A 334 4.01 -5.09 3.58
CA VAL A 334 2.68 -4.52 3.31
C VAL A 334 1.94 -3.90 4.47
N PHE A 335 1.59 -4.70 5.48
CA PHE A 335 0.89 -4.19 6.66
C PHE A 335 1.56 -4.57 7.99
N THR A 336 1.56 -3.62 8.90
CA THR A 336 2.17 -3.79 10.23
C THR A 336 1.13 -3.68 11.33
N THR A 337 0.27 -2.65 11.29
CA THR A 337 -0.75 -2.45 12.34
C THR A 337 -2.08 -2.18 11.65
N PHE A 338 -3.15 -2.44 12.40
CA PHE A 338 -4.52 -2.13 11.94
C PHE A 338 -5.34 -1.54 13.08
N GLU A 339 -6.22 -0.63 12.72
CA GLU A 339 -7.19 -0.08 13.65
C GLU A 339 -8.56 -0.14 12.98
N GLU A 340 -9.45 -0.98 13.48
CA GLU A 340 -10.82 -0.96 12.98
C GLU A 340 -11.52 0.33 13.44
N ILE A 341 -12.16 1.02 12.50
CA ILE A 341 -12.77 2.32 12.82
C ILE A 341 -14.01 2.14 13.72
N THR A 342 -14.07 2.96 14.77
CA THR A 342 -15.16 2.92 15.74
C THR A 342 -15.75 4.32 15.91
N GLU A 343 -16.85 4.42 16.65
CA GLU A 343 -17.34 5.75 16.99
C GLU A 343 -16.28 6.58 17.69
N ALA A 344 -15.48 5.95 18.55
CA ALA A 344 -14.43 6.70 19.27
C ALA A 344 -13.43 7.31 18.28
N TYR A 345 -13.09 6.59 17.21
CA TYR A 345 -12.23 7.15 16.18
C TYR A 345 -12.82 8.44 15.60
N LEU A 346 -14.12 8.41 15.32
CA LEU A 346 -14.77 9.56 14.69
C LEU A 346 -14.79 10.76 15.64
N ALA A 347 -14.69 10.51 16.93
CA ALA A 347 -14.83 11.60 17.90
C ALA A 347 -13.51 12.27 18.29
N GLN A 348 -12.39 11.82 17.71
CA GLN A 348 -11.09 12.42 18.02
C GLN A 348 -10.44 12.96 16.74
N ASP A 349 -9.41 13.81 16.88
CA ASP A 349 -8.94 14.59 15.73
C ASP A 349 -7.56 14.22 15.22
N ALA A 350 -7.04 13.09 15.72
CA ALA A 350 -5.71 12.63 15.35
C ALA A 350 -5.79 11.40 14.43
N SER A 351 -4.67 10.70 14.24
CA SER A 351 -4.67 9.53 13.35
C SER A 351 -4.21 8.32 14.17
N ILE A 352 -5.03 7.27 14.24
CA ILE A 352 -4.67 6.10 15.05
C ILE A 352 -4.50 4.89 14.11
N ILE A 353 -3.33 4.29 14.17
CA ILE A 353 -3.02 3.19 13.27
C ILE A 353 -3.17 1.86 14.00
N GLY A 354 -3.41 1.90 15.29
CA GLY A 354 -3.82 0.70 16.02
C GLY A 354 -2.73 -0.24 16.51
N ARG A 355 -3.02 -1.53 16.52
CA ARG A 355 -2.09 -2.52 17.13
C ARG A 355 -1.29 -3.31 16.10
N ALA A 356 -0.05 -3.69 16.44
CA ALA A 356 0.78 -4.45 15.50
C ALA A 356 0.32 -5.90 15.39
N LEU A 357 0.48 -6.42 14.18
CA LEU A 357 0.15 -7.83 13.90
C LEU A 357 1.06 -8.71 14.74
N PRO A 358 0.67 -9.99 14.89
CA PRO A 358 1.34 -10.90 15.82
C PRO A 358 2.82 -11.11 15.55
N SER A 359 3.27 -10.97 14.31
CA SER A 359 4.67 -11.28 14.01
C SER A 359 5.62 -10.24 14.63
N PHE A 360 5.08 -9.08 14.97
CA PHE A 360 5.95 -7.93 15.23
C PHE A 360 6.38 -7.73 16.68
N GLY A 361 7.64 -7.37 16.84
CA GLY A 361 8.02 -6.61 18.02
C GLY A 361 8.11 -5.14 17.63
N THR A 362 7.97 -4.24 18.61
CA THR A 362 8.09 -2.79 18.31
C THR A 362 8.98 -2.05 19.33
N ARG A 363 9.58 -0.94 18.89
CA ARG A 363 10.09 0.08 19.82
C ARG A 363 9.70 1.45 19.30
N VAL A 364 9.55 2.42 20.22
CA VAL A 364 9.42 3.81 19.83
C VAL A 364 10.65 4.49 20.39
N VAL A 365 11.46 5.07 19.53
CA VAL A 365 12.84 5.36 19.82
C VAL A 365 13.19 6.84 19.67
N GLY A 366 13.86 7.41 20.67
CA GLY A 366 14.25 8.81 20.59
C GLY A 366 15.52 9.08 19.79
N ASP A 367 15.92 10.33 19.74
CA ASP A 367 17.15 10.71 19.06
C ASP A 367 18.35 10.00 19.69
N ASP A 368 18.48 10.09 21.01
CA ASP A 368 19.57 9.42 21.71
C ASP A 368 19.63 7.90 21.45
N GLY A 369 18.65 7.37 20.72
CA GLY A 369 18.62 5.94 20.43
C GLY A 369 17.99 5.09 21.53
N ARG A 370 17.46 5.76 22.54
CA ARG A 370 16.85 5.04 23.65
C ARG A 370 15.32 5.11 23.53
N ASP A 371 14.63 4.13 24.10
CA ASP A 371 13.17 4.11 24.07
C ASP A 371 12.59 5.35 24.72
N VAL A 372 11.51 5.86 24.14
CA VAL A 372 10.85 7.02 24.72
C VAL A 372 9.99 6.54 25.89
N ALA A 373 9.47 7.45 26.70
CA ALA A 373 8.54 7.03 27.74
C ALA A 373 7.16 6.95 27.11
N PRO A 374 6.39 5.91 27.48
CA PRO A 374 5.07 5.76 26.85
C PRO A 374 4.36 7.09 26.69
N GLY A 375 3.81 7.34 25.51
CA GLY A 375 3.06 8.56 25.25
C GLY A 375 3.86 9.59 24.49
N GLU A 376 5.18 9.51 24.60
CA GLU A 376 6.06 10.44 23.89
C GLU A 376 6.23 9.97 22.45
N THR A 377 6.46 10.93 21.57
CA THR A 377 6.65 10.64 20.15
C THR A 377 8.08 10.22 19.90
N GLY A 378 8.25 9.16 19.11
CA GLY A 378 9.57 8.68 18.73
C GLY A 378 9.47 7.95 17.39
N GLU A 379 10.60 7.42 16.90
CA GLU A 379 10.61 6.68 15.63
C GLU A 379 10.20 5.24 15.87
N LEU A 380 9.23 4.75 15.08
CA LEU A 380 8.86 3.35 15.17
C LEU A 380 9.97 2.47 14.59
N TRP A 381 10.34 1.46 15.38
CA TRP A 381 11.26 0.41 14.94
C TRP A 381 10.47 -0.90 15.00
N LEU A 382 10.68 -1.75 14.01
CA LEU A 382 9.93 -2.99 13.90
C LEU A 382 10.84 -4.22 13.81
N SER A 383 10.42 -5.31 14.44
CA SER A 383 11.14 -6.58 14.30
C SER A 383 10.23 -7.71 13.88
N GLY A 384 10.81 -8.84 13.46
CA GLY A 384 9.99 -10.02 13.25
C GLY A 384 10.00 -10.57 11.85
N ALA A 385 9.20 -11.62 11.67
CA ALA A 385 9.17 -12.42 10.44
C ALA A 385 8.73 -11.68 9.17
N GLN A 386 8.13 -10.50 9.31
CA GLN A 386 7.74 -9.72 8.13
C GLN A 386 8.79 -8.76 7.62
N LEU A 387 9.91 -8.64 8.35
CA LEU A 387 10.98 -7.80 7.85
C LEU A 387 11.67 -8.41 6.64
N ALA A 388 11.79 -7.58 5.62
CA ALA A 388 12.63 -7.89 4.48
C ALA A 388 14.08 -8.10 4.99
N GLU A 389 14.88 -8.80 4.18
CA GLU A 389 16.27 -9.12 4.48
C GLU A 389 17.17 -7.87 4.50
N GLY A 390 16.77 -6.85 3.74
CA GLY A 390 17.60 -5.67 3.54
C GLY A 390 17.22 -5.12 2.19
N TYR A 391 17.96 -4.13 1.68
CA TYR A 391 17.77 -3.61 0.34
C TYR A 391 18.62 -4.38 -0.63
N LEU A 392 18.33 -4.26 -1.92
CA LEU A 392 19.09 -4.97 -2.94
C LEU A 392 20.40 -4.21 -3.26
N ARG A 393 21.54 -4.84 -3.02
CA ARG A 393 22.82 -4.23 -3.36
C ARG A 393 23.00 -2.82 -2.77
N ARG A 394 22.64 -2.63 -1.51
CA ARG A 394 22.86 -1.34 -0.84
C ARG A 394 23.31 -1.64 0.57
N PRO A 395 24.50 -2.22 0.73
CA PRO A 395 24.92 -2.64 2.07
C PRO A 395 24.94 -1.47 3.06
N GLU A 396 25.36 -0.31 2.57
CA GLU A 396 25.45 0.89 3.41
C GLU A 396 24.08 1.26 4.01
N LEU A 397 23.10 1.43 3.13
CA LEU A 397 21.73 1.74 3.57
C LEU A 397 21.13 0.66 4.49
N THR A 398 21.33 -0.60 4.12
CA THR A 398 20.79 -1.71 4.90
C THR A 398 21.27 -1.71 6.32
N ALA A 399 22.58 -1.53 6.52
CA ALA A 399 23.12 -1.48 7.87
C ALA A 399 22.50 -0.36 8.70
N GLU A 400 22.24 0.77 8.05
CA GLU A 400 21.64 1.89 8.75
C GLU A 400 20.17 1.66 9.07
N LYS A 401 19.43 1.17 8.08
CA LYS A 401 17.97 1.00 8.22
C LYS A 401 17.56 -0.28 8.95
N PHE A 402 18.43 -1.29 8.92
CA PHE A 402 18.16 -2.54 9.64
C PHE A 402 19.19 -2.87 10.73
N PRO A 403 19.25 -2.06 11.81
CA PRO A 403 20.22 -2.30 12.88
C PRO A 403 19.89 -3.51 13.74
N GLU A 404 20.90 -4.07 14.42
CA GLU A 404 20.65 -5.10 15.43
C GLU A 404 20.78 -4.47 16.82
N VAL A 405 20.00 -4.95 17.77
CA VAL A 405 19.98 -4.39 19.12
C VAL A 405 19.72 -5.45 20.19
N SER A 413 20.13 -10.62 20.96
CA SER A 413 20.20 -9.74 19.80
C SER A 413 18.95 -9.81 18.90
N VAL A 414 18.37 -8.64 18.60
CA VAL A 414 17.16 -8.58 17.77
C VAL A 414 17.38 -7.62 16.61
N ARG A 415 17.04 -8.07 15.39
CA ARG A 415 17.17 -7.25 14.19
C ARG A 415 15.93 -6.38 14.01
N TYR A 416 16.13 -5.08 13.77
CA TYR A 416 15.02 -4.13 13.61
C TYR A 416 15.06 -3.44 12.26
N TYR A 417 13.93 -2.84 11.90
CA TYR A 417 13.86 -1.94 10.77
C TYR A 417 13.44 -0.55 11.29
N ARG A 418 14.18 0.48 10.91
CA ARG A 418 13.85 1.84 11.32
C ARG A 418 12.92 2.45 10.27
N THR A 419 11.69 2.69 10.69
CA THR A 419 10.62 2.96 9.73
C THR A 419 10.78 4.35 9.12
N GLY A 420 11.46 5.26 9.81
CA GLY A 420 11.42 6.64 9.38
C GLY A 420 10.08 7.33 9.69
N ASP A 421 9.22 6.65 10.47
CA ASP A 421 7.93 7.20 10.87
C ASP A 421 7.92 7.53 12.35
N LEU A 422 7.35 8.69 12.67
CA LEU A 422 7.12 9.08 14.05
C LEU A 422 5.74 8.63 14.49
N VAL A 423 5.67 7.99 15.64
CA VAL A 423 4.42 7.54 16.25
C VAL A 423 4.48 7.85 17.73
N SER A 424 3.36 7.64 18.39
CA SER A 424 3.29 7.71 19.83
C SER A 424 2.38 6.61 20.29
N GLU A 425 2.69 6.03 21.44
CA GLU A 425 1.90 4.95 22.00
C GLU A 425 0.79 5.51 22.87
N LEU A 426 -0.43 5.10 22.61
CA LEU A 426 -1.53 5.46 23.49
C LEU A 426 -1.48 4.55 24.73
N PRO A 427 -2.19 4.94 25.80
CA PRO A 427 -2.24 4.20 27.06
C PRO A 427 -2.50 2.70 26.86
N ASP A 428 -3.30 2.34 25.87
CA ASP A 428 -3.69 0.94 25.69
C ASP A 428 -2.80 0.11 24.75
N GLY A 429 -1.75 0.72 24.21
CA GLY A 429 -0.82 0.00 23.34
C GLY A 429 -1.03 0.24 21.85
N ARG A 430 -2.18 0.83 21.48
CA ARG A 430 -2.42 1.24 20.10
C ARG A 430 -1.48 2.42 19.79
N PHE A 431 -1.06 2.55 18.53
CA PHE A 431 -0.18 3.63 18.14
C PHE A 431 -0.96 4.72 17.44
N ALA A 432 -0.57 5.97 17.69
CA ALA A 432 -1.03 7.12 16.92
C ALA A 432 0.05 7.41 15.90
N TYR A 433 -0.34 7.72 14.65
CA TYR A 433 0.62 8.05 13.64
C TYR A 433 0.85 9.56 13.59
N GLU A 434 2.11 9.99 13.73
CA GLU A 434 2.39 11.43 13.76
C GLU A 434 2.80 11.98 12.40
N GLY A 435 3.91 11.52 11.83
CA GLY A 435 4.39 12.02 10.56
C GLY A 435 5.72 11.37 10.21
N ARG A 436 6.32 11.75 9.08
CA ARG A 436 7.64 11.24 8.72
C ARG A 436 8.68 11.88 9.65
N ALA A 437 9.78 11.18 9.86
CA ALA A 437 10.82 11.59 10.83
C ALA A 437 11.89 12.53 10.25
N ASP A 438 11.75 12.92 8.99
CA ASP A 438 12.77 13.70 8.31
C ASP A 438 12.26 15.09 7.99
N LEU A 439 11.33 15.56 8.81
CA LEU A 439 10.63 16.79 8.43
C LEU A 439 10.99 17.96 9.32
N GLN A 440 12.00 17.81 10.17
CA GLN A 440 12.50 18.99 10.87
C GLN A 440 13.32 19.90 9.93
N ILE A 441 13.07 21.20 9.98
CA ILE A 441 13.90 22.12 9.21
C ILE A 441 14.46 23.18 10.16
N LYS A 442 15.39 23.99 9.66
CA LYS A 442 15.85 25.16 10.41
C LYS A 442 15.41 26.42 9.67
N LEU A 443 14.78 27.34 10.40
CA LEU A 443 14.26 28.55 9.79
C LEU A 443 14.17 29.68 10.81
N ARG A 444 14.81 30.82 10.52
CA ARG A 444 14.53 32.05 11.26
C ARG A 444 14.89 31.88 12.74
N GLY A 445 15.88 31.03 12.99
CA GLY A 445 16.44 30.86 14.32
C GLY A 445 15.78 29.78 15.12
N TYR A 446 14.97 28.96 14.45
CA TYR A 446 14.33 27.85 15.16
C TYR A 446 14.54 26.55 14.42
N ARG A 447 14.50 25.45 15.19
CA ARG A 447 14.25 24.13 14.57
C ARG A 447 12.72 23.97 14.57
N ILE A 448 12.17 23.57 13.42
CA ILE A 448 10.72 23.53 13.30
C ILE A 448 10.32 22.15 12.80
N GLU A 449 9.42 21.51 13.55
CA GLU A 449 8.96 20.17 13.22
C GLU A 449 7.75 20.29 12.27
N LEU A 450 7.99 20.13 10.99
CA LEU A 450 6.91 20.39 10.02
C LEU A 450 5.79 19.37 10.22
N SER A 451 6.17 18.18 10.65
CA SER A 451 5.14 17.14 10.89
C SER A 451 4.18 17.55 11.99
N ASP A 452 4.67 18.30 12.99
CA ASP A 452 3.77 18.76 14.03
C ASP A 452 2.79 19.82 13.50
N ILE A 453 3.26 20.66 12.58
CA ILE A 453 2.39 21.69 12.02
C ILE A 453 1.32 21.00 11.15
N GLU A 454 1.76 20.00 10.36
CA GLU A 454 0.78 19.28 9.50
C GLU A 454 -0.26 18.56 10.34
N THR A 455 0.17 17.90 11.41
CA THR A 455 -0.79 17.28 12.32
C THR A 455 -1.77 18.28 12.88
N ALA A 456 -1.26 19.44 13.27
CA ALA A 456 -2.16 20.42 13.87
C ALA A 456 -3.20 20.91 12.84
N VAL A 457 -2.78 21.14 11.62
CA VAL A 457 -3.70 21.59 10.57
C VAL A 457 -4.72 20.46 10.32
N ARG A 458 -4.23 19.22 10.32
CA ARG A 458 -5.15 18.08 10.11
C ARG A 458 -6.20 17.88 11.20
N ARG A 459 -6.03 18.52 12.33
CA ARG A 459 -7.02 18.42 13.37
C ARG A 459 -8.30 19.18 13.04
N HIS A 460 -8.23 20.10 12.09
CA HIS A 460 -9.41 20.90 11.72
C HIS A 460 -10.46 20.00 11.05
N ASP A 461 -11.72 20.13 11.49
CA ASP A 461 -12.80 19.26 11.01
C ASP A 461 -13.05 19.33 9.50
N ASP A 462 -12.67 20.45 8.88
CA ASP A 462 -12.91 20.64 7.46
C ASP A 462 -11.69 20.49 6.57
N VAL A 463 -10.65 19.85 7.11
CA VAL A 463 -9.45 19.65 6.32
C VAL A 463 -9.22 18.15 6.14
N VAL A 464 -8.95 17.72 4.90
CA VAL A 464 -8.64 16.30 4.64
C VAL A 464 -7.21 16.04 4.22
N ASP A 465 -6.44 17.07 3.87
CA ASP A 465 -5.02 16.84 3.61
C ASP A 465 -4.28 18.16 3.84
N ALA A 466 -2.97 18.07 4.10
CA ALA A 466 -2.17 19.30 4.36
C ALA A 466 -0.69 19.00 4.20
N VAL A 467 0.03 19.96 3.64
CA VAL A 467 1.47 19.86 3.58
C VAL A 467 2.04 21.26 3.89
N VAL A 468 3.10 21.31 4.70
CA VAL A 468 3.73 22.57 5.05
C VAL A 468 5.12 22.65 4.40
N THR A 469 5.40 23.76 3.73
CA THR A 469 6.69 23.94 3.06
C THR A 469 7.18 25.33 3.38
N VAL A 470 8.35 25.69 2.86
CA VAL A 470 8.88 27.02 3.08
C VAL A 470 8.97 27.73 1.74
N ARG A 471 8.53 28.97 1.68
CA ARG A 471 8.68 29.72 0.43
C ARG A 471 9.17 31.14 0.63
N GLU A 472 9.76 31.71 -0.41
CA GLU A 472 10.32 33.06 -0.32
C GLU A 472 9.26 34.11 -0.60
N PHE A 473 9.03 35.00 0.36
CA PHE A 473 8.07 36.09 0.15
C PHE A 473 8.73 37.26 -0.61
N LYS A 474 9.65 37.94 0.06
CA LYS A 474 10.51 38.93 -0.59
C LYS A 474 11.95 38.42 -0.46
N PRO A 475 12.91 39.06 -1.17
CA PRO A 475 14.29 38.56 -1.28
C PRO A 475 14.75 37.63 -0.17
N GLY A 476 15.09 38.16 1.01
CA GLY A 476 15.63 37.32 2.07
C GLY A 476 14.61 36.98 3.14
N ASP A 477 13.37 36.73 2.73
CA ASP A 477 12.26 36.60 3.68
C ASP A 477 11.48 35.31 3.39
N LEU A 478 11.98 34.21 3.95
CA LEU A 478 11.37 32.87 3.77
C LEU A 478 10.42 32.58 4.90
N ARG A 479 9.30 31.92 4.61
CA ARG A 479 8.30 31.73 5.65
C ARG A 479 7.60 30.40 5.40
N LEU A 480 7.07 29.85 6.47
CA LEU A 480 6.26 28.64 6.37
C LEU A 480 4.97 28.95 5.59
N VAL A 481 4.56 28.01 4.72
CA VAL A 481 3.25 28.13 4.10
C VAL A 481 2.58 26.76 4.10
N CYS A 482 1.27 26.73 3.94
CA CYS A 482 0.57 25.46 4.00
C CYS A 482 -0.42 25.34 2.87
N ALA A 483 -0.26 24.28 2.07
CA ALA A 483 -1.26 23.90 1.06
C ALA A 483 -2.15 22.82 1.67
N TYR A 484 -3.46 22.93 1.47
CA TYR A 484 -4.34 21.97 2.14
C TYR A 484 -5.52 21.65 1.22
N VAL A 485 -6.26 20.62 1.61
CA VAL A 485 -7.42 20.21 0.83
C VAL A 485 -8.60 20.28 1.76
N ALA A 486 -9.65 20.96 1.31
CA ALA A 486 -10.90 21.06 2.06
C ALA A 486 -11.77 19.81 1.89
N ARG A 487 -12.45 19.45 2.97
CA ARG A 487 -13.45 18.39 2.97
C ARG A 487 -14.52 18.81 2.01
N GLU A 488 -15.04 17.85 1.24
CA GLU A 488 -16.03 18.20 0.22
C GLU A 488 -17.23 18.80 0.89
N GLY A 489 -17.70 19.91 0.34
CA GLY A 489 -18.85 20.59 0.91
C GLY A 489 -18.49 21.69 1.90
N SER A 490 -17.20 21.91 2.12
CA SER A 490 -16.79 22.97 3.02
C SER A 490 -15.87 23.93 2.27
N ALA A 491 -15.69 25.11 2.86
CA ALA A 491 -14.71 26.05 2.36
C ALA A 491 -14.24 26.77 3.63
N THR A 492 -12.93 26.83 3.82
CA THR A 492 -12.38 27.42 5.04
C THR A 492 -11.39 28.50 4.60
N THR A 493 -11.44 29.66 5.22
CA THR A 493 -10.55 30.74 4.80
C THR A 493 -9.20 30.61 5.48
N ALA A 494 -8.21 31.30 4.92
CA ALA A 494 -6.91 31.31 5.53
C ALA A 494 -6.99 31.91 6.92
N ARG A 495 -7.80 32.95 7.09
CA ARG A 495 -7.96 33.55 8.41
C ARG A 495 -8.50 32.50 9.40
N GLU A 496 -9.47 31.68 8.97
CA GLU A 496 -9.98 30.67 9.86
C GLU A 496 -8.94 29.59 10.19
N LEU A 497 -8.11 29.22 9.22
CA LEU A 497 -7.05 28.26 9.54
C LEU A 497 -6.02 28.87 10.47
N ARG A 498 -5.67 30.14 10.22
CA ARG A 498 -4.78 30.81 11.14
C ARG A 498 -5.37 30.76 12.55
N ASN A 499 -6.65 31.09 12.72
CA ASN A 499 -7.24 31.10 14.06
C ASN A 499 -7.20 29.73 14.74
N HIS A 500 -7.42 28.69 13.93
CA HIS A 500 -7.29 27.31 14.41
C HIS A 500 -5.87 27.02 14.94
N ILE A 501 -4.88 27.41 14.18
CA ILE A 501 -3.52 27.05 14.51
C ILE A 501 -3.03 27.87 15.72
N LYS A 502 -3.54 29.09 15.86
CA LYS A 502 -3.22 29.92 17.04
C LYS A 502 -3.52 29.23 18.38
N THR A 503 -4.55 28.39 18.42
CA THR A 503 -4.90 27.69 19.66
C THR A 503 -4.02 26.48 19.94
N LEU A 504 -3.24 26.04 18.96
CA LEU A 504 -2.51 24.76 19.08
C LEU A 504 -0.99 24.87 19.14
N LEU A 505 -0.42 25.91 18.54
CA LEU A 505 1.01 25.95 18.31
C LEU A 505 1.57 27.34 18.67
N PRO A 506 2.85 27.38 19.04
CA PRO A 506 3.48 28.70 19.22
C PRO A 506 3.67 29.42 17.89
N ALA A 507 3.79 30.75 17.93
CA ALA A 507 3.82 31.52 16.70
C ALA A 507 4.89 31.16 15.69
N TYR A 508 6.05 30.68 16.15
CA TYR A 508 7.11 30.39 15.19
C TYR A 508 6.80 29.17 14.33
N MET A 509 5.72 28.47 14.70
CA MET A 509 5.26 27.33 13.90
C MET A 509 4.00 27.66 13.08
N HIS A 510 3.62 28.93 12.99
CA HIS A 510 2.40 29.28 12.22
C HIS A 510 2.68 29.48 10.74
N PRO A 511 1.98 28.74 9.89
CA PRO A 511 2.10 29.08 8.46
C PRO A 511 1.64 30.50 8.22
N ALA A 512 2.36 31.16 7.32
CA ALA A 512 2.09 32.55 6.97
C ALA A 512 0.98 32.70 5.95
N ARG A 513 0.78 31.68 5.11
CA ARG A 513 -0.28 31.72 4.08
C ARG A 513 -0.82 30.33 3.92
N TYR A 514 -2.04 30.26 3.41
CA TYR A 514 -2.69 29.00 3.15
C TYR A 514 -3.17 28.97 1.71
N LEU A 515 -3.06 27.82 1.10
CA LEU A 515 -3.45 27.65 -0.31
C LEU A 515 -4.34 26.43 -0.41
N PRO A 516 -5.64 26.62 -0.68
CA PRO A 516 -6.48 25.42 -0.96
C PRO A 516 -6.21 24.83 -2.34
N LEU A 517 -6.17 23.50 -2.42
CA LEU A 517 -5.93 22.82 -3.69
C LEU A 517 -6.95 21.70 -3.88
N PRO A 518 -7.31 21.38 -5.13
CA PRO A 518 -8.23 20.25 -5.33
C PRO A 518 -7.47 18.94 -5.29
N GLY A 519 -6.80 18.71 -4.16
CA GLY A 519 -5.93 17.56 -3.99
C GLY A 519 -4.47 17.96 -4.02
N LEU A 520 -3.66 17.28 -3.22
CA LEU A 520 -2.22 17.54 -3.26
C LEU A 520 -1.59 16.70 -4.36
N PRO A 521 -0.55 17.22 -5.03
CA PRO A 521 0.10 16.45 -6.10
C PRO A 521 0.91 15.29 -5.53
N ARG A 522 0.91 14.14 -6.21
CA ARG A 522 1.57 12.95 -5.65
C ARG A 522 2.77 12.48 -6.49
N THR A 523 3.75 11.83 -5.86
CA THR A 523 4.90 11.26 -6.58
C THR A 523 4.48 9.93 -7.20
N VAL A 524 5.49 9.19 -7.69
CA VAL A 524 5.31 7.87 -8.29
C VAL A 524 4.75 6.90 -7.28
N ASN A 525 5.38 6.84 -6.10
CA ASN A 525 4.98 5.96 -5.02
C ASN A 525 3.74 6.46 -4.29
N GLY A 526 3.13 7.54 -4.80
CA GLY A 526 1.90 8.06 -4.23
C GLY A 526 2.06 8.97 -3.01
N LYS A 527 3.30 9.37 -2.74
CA LYS A 527 3.60 10.28 -1.63
C LYS A 527 3.45 11.75 -2.07
N VAL A 528 3.29 12.67 -1.13
CA VAL A 528 3.08 14.05 -1.54
C VAL A 528 4.33 14.57 -2.21
N ASP A 529 4.15 15.21 -3.35
CA ASP A 529 5.24 15.79 -4.09
C ASP A 529 5.57 17.20 -3.58
N ARG A 530 6.47 17.31 -2.60
CA ARG A 530 6.73 18.60 -1.95
C ARG A 530 7.32 19.62 -2.93
N ALA A 531 8.01 19.12 -3.95
CA ALA A 531 8.49 19.97 -5.01
C ALA A 531 7.35 20.47 -5.89
N ALA A 532 6.39 19.60 -6.19
CA ALA A 532 5.23 20.00 -7.01
C ALA A 532 4.35 21.00 -6.25
N VAL A 533 4.30 20.83 -4.93
CA VAL A 533 3.56 21.77 -4.08
C VAL A 533 4.18 23.14 -4.20
N ALA A 534 5.51 23.20 -4.11
CA ALA A 534 6.26 24.45 -4.23
C ALA A 534 5.91 25.14 -5.53
N ARG A 535 5.87 24.36 -6.60
CA ARG A 535 5.49 24.92 -7.89
C ARG A 535 4.05 25.44 -7.88
N SER A 536 3.13 24.74 -7.21
CA SER A 536 1.75 25.24 -7.16
C SER A 536 1.69 26.58 -6.45
N TRP A 537 2.58 26.79 -5.49
CA TRP A 537 2.66 28.11 -4.89
C TRP A 537 3.29 29.06 -5.91
#